data_9P4Z
#
_entry.id   9P4Z
#
loop_
_entity.id
_entity.type
_entity.pdbx_description
1 polymer 'Excitatory amino acid transporter 3'
2 non-polymer 'SODIUM ION'
3 non-polymer (3beta,14beta,17beta,25R)-3-[4-methoxy-3-(methoxymethyl)butoxy]spirost-5-en
4 non-polymer CHOLESTEROL
#
_entity_poly.entity_id   1
_entity_poly.type   'polypeptide(L)'
_entity_poly.pdbx_seq_one_letter_code
;GPMGKPARKGCEWKRFLKNNWVLLSTVAAVVLGITTGVLVREHSNLSTLEKFYFAFPGEILMRMLKLIILPLIISSMITG
VAALDSNVSGKIGLRAVVYYFCTTLIAVILGIVLVVSIKPGVTQKVGEIARTGSTPEVSTVDAMLDLIRNMFPENLVQAC
FQQYKTKREEVKPPSDPEMTMTEESFTAVMTTAISKTKTKEYKIVGMYSDGINVLGLIVFCLVFGLVIGKMGEKGQILVD
FFNALSDATMKIVQIIMCYMPLGILFLIAGKIIEVEDWEIFRKLGLYMATVLTGLAIHSIVILPLIYFIVVRKNPFRFAM
GMAQALLTALMISSSSATLPVTFRCAEENNQVDKRITRFVLPVGATINMDGTALYEAVAAVFIAQLNDLDLGIGQIITIS
ITATSASIGAAGVPQAGLVTMVIVLSAVGLPAEDVTLIIAVDWLLDRFRTMVNVLGDAFGTGIVEKLSKKELEQMDVSSE
VNIVNPFALESTILDNEDSDTKKSYVNGGFAVDKSDTISFTQTSQF
;
_entity_poly.pdbx_strand_id   A
#
loop_
_chem_comp.id
_chem_comp.type
_chem_comp.name
_chem_comp.formula
9Z9 non-polymer (3beta,14beta,17beta,25R)-3-[4-methoxy-3-(methoxymethyl)butoxy]spirost-5-en 'C34 H56 O5'
CLR non-polymer CHOLESTEROL 'C27 H46 O'
NA non-polymer 'SODIUM ION' 'Na 1'
#
# COMPACT_ATOMS: atom_id res chain seq x y z
N TRP A 21 17.07 2.13 12.46
CA TRP A 21 17.22 0.89 13.22
C TRP A 21 16.14 -0.11 12.83
N VAL A 22 15.07 0.37 12.21
CA VAL A 22 13.98 -0.52 11.81
C VAL A 22 14.49 -1.51 10.75
N LEU A 23 15.27 -1.02 9.79
CA LEU A 23 15.85 -1.91 8.80
C LEU A 23 16.82 -2.90 9.43
N LEU A 24 17.67 -2.42 10.34
CA LEU A 24 18.63 -3.31 10.98
C LEU A 24 17.92 -4.39 11.79
N SER A 25 16.87 -4.01 12.52
CA SER A 25 16.18 -4.98 13.36
C SER A 25 15.37 -5.97 12.52
N THR A 26 14.73 -5.49 11.45
CA THR A 26 13.94 -6.38 10.61
C THR A 26 14.82 -7.42 9.94
N VAL A 27 15.98 -7.01 9.43
CA VAL A 27 16.90 -7.96 8.82
C VAL A 27 17.42 -8.94 9.86
N ALA A 28 17.76 -8.44 11.05
CA ALA A 28 18.24 -9.32 12.12
C ALA A 28 17.17 -10.32 12.51
N ALA A 29 15.92 -9.89 12.63
CA ALA A 29 14.84 -10.79 12.98
C ALA A 29 14.62 -11.84 11.90
N VAL A 30 14.69 -11.43 10.63
CA VAL A 30 14.57 -12.38 9.54
C VAL A 30 15.74 -13.36 9.54
N VAL A 31 16.96 -12.85 9.75
CA VAL A 31 18.12 -13.73 9.81
C VAL A 31 18.04 -14.64 11.03
N LEU A 32 17.68 -14.08 12.19
CA LEU A 32 17.57 -14.90 13.39
C LEU A 32 16.38 -15.86 13.30
N GLY A 33 15.30 -15.43 12.66
CA GLY A 33 14.16 -16.31 12.49
C GLY A 33 14.50 -17.54 11.66
N ILE A 34 15.22 -17.35 10.55
CA ILE A 34 15.61 -18.47 9.71
C ILE A 34 16.53 -19.40 10.48
N THR A 35 17.51 -18.84 11.19
CA THR A 35 18.42 -19.67 11.97
C THR A 35 17.67 -20.47 13.02
N THR A 36 16.74 -19.83 13.74
CA THR A 36 15.95 -20.54 14.73
C THR A 36 15.08 -21.60 14.09
N GLY A 37 14.44 -21.27 12.97
CA GLY A 37 13.54 -22.21 12.33
C GLY A 37 14.25 -23.45 11.84
N VAL A 38 15.38 -23.28 11.16
CA VAL A 38 16.11 -24.43 10.64
C VAL A 38 16.68 -25.26 11.78
N LEU A 39 17.27 -24.62 12.79
CA LEU A 39 17.84 -25.35 13.91
C LEU A 39 16.74 -26.07 14.70
N VAL A 40 15.62 -25.40 14.97
CA VAL A 40 14.55 -26.01 15.73
C VAL A 40 13.98 -27.20 14.98
N ARG A 41 13.77 -27.06 13.67
CA ARG A 41 13.18 -28.12 12.87
C ARG A 41 14.12 -29.29 12.64
N GLU A 42 15.42 -29.12 12.90
CA GLU A 42 16.40 -30.18 12.69
C GLU A 42 16.95 -30.78 13.98
N HIS A 43 16.91 -30.05 15.09
CA HIS A 43 17.44 -30.51 16.36
C HIS A 43 16.35 -30.81 17.39
N SER A 44 15.11 -30.91 16.95
CA SER A 44 13.99 -31.16 17.86
C SER A 44 12.74 -31.45 17.05
N ASN A 45 11.93 -32.37 17.57
CA ASN A 45 10.65 -32.74 16.95
C ASN A 45 9.54 -32.14 17.80
N LEU A 46 8.73 -31.29 17.19
CA LEU A 46 7.65 -30.60 17.88
C LEU A 46 6.30 -31.11 17.39
N SER A 47 5.36 -31.24 18.31
CA SER A 47 4.01 -31.62 17.95
C SER A 47 3.30 -30.47 17.26
N THR A 48 2.18 -30.79 16.61
CA THR A 48 1.39 -29.75 15.96
C THR A 48 0.94 -28.70 16.97
N LEU A 49 0.65 -29.13 18.20
CA LEU A 49 0.29 -28.18 19.25
C LEU A 49 1.50 -27.40 19.73
N GLU A 50 2.66 -28.07 19.86
CA GLU A 50 3.87 -27.38 20.26
C GLU A 50 4.38 -26.41 19.21
N LYS A 51 4.03 -26.64 17.93
CA LYS A 51 4.37 -25.67 16.90
C LYS A 51 3.48 -24.44 16.97
N PHE A 52 2.27 -24.59 17.50
CA PHE A 52 1.38 -23.45 17.63
C PHE A 52 1.83 -22.51 18.74
N TYR A 53 2.32 -23.07 19.85
CA TYR A 53 2.79 -22.26 20.96
C TYR A 53 4.11 -21.57 20.63
N PHE A 54 4.96 -22.22 19.84
CA PHE A 54 6.25 -21.63 19.47
C PHE A 54 6.08 -20.33 18.68
N ALA A 55 4.98 -20.18 17.96
CA ALA A 55 4.72 -18.99 17.17
C ALA A 55 3.84 -17.98 17.90
N PHE A 56 3.62 -18.17 19.20
CA PHE A 56 2.76 -17.26 19.94
C PHE A 56 3.26 -15.83 19.93
N PRO A 57 4.55 -15.55 20.16
CA PRO A 57 5.00 -14.14 20.12
C PRO A 57 4.70 -13.46 18.80
N GLY A 58 4.77 -14.20 17.69
CA GLY A 58 4.40 -13.62 16.41
C GLY A 58 2.91 -13.54 16.19
N GLU A 59 2.14 -14.45 16.79
CA GLU A 59 0.69 -14.35 16.73
C GLU A 59 0.20 -13.10 17.43
N ILE A 60 0.82 -12.76 18.56
CA ILE A 60 0.44 -11.55 19.29
C ILE A 60 0.73 -10.31 18.45
N LEU A 61 1.83 -10.34 17.68
CA LEU A 61 2.12 -9.22 16.79
C LEU A 61 1.01 -9.03 15.77
N MET A 62 0.53 -10.12 15.18
CA MET A 62 -0.46 -10.00 14.11
C MET A 62 -1.76 -9.39 14.62
N ARG A 63 -2.19 -9.75 15.82
CA ARG A 63 -3.41 -9.17 16.36
C ARG A 63 -3.20 -7.75 16.90
N MET A 64 -1.95 -7.35 17.15
CA MET A 64 -1.69 -5.92 17.34
C MET A 64 -1.89 -5.14 16.04
N LEU A 65 -1.41 -5.70 14.93
CA LEU A 65 -1.53 -5.00 13.65
C LEU A 65 -2.99 -4.85 13.24
N LYS A 66 -3.80 -5.89 13.43
CA LYS A 66 -5.22 -5.81 13.13
C LYS A 66 -5.95 -4.89 14.09
N LEU A 67 -5.42 -4.70 15.30
CA LEU A 67 -6.08 -3.86 16.29
C LEU A 67 -6.02 -2.40 15.91
N ILE A 68 -4.97 -1.99 15.18
CA ILE A 68 -4.72 -0.58 14.92
C ILE A 68 -5.23 -0.12 13.55
N ILE A 69 -5.59 -1.04 12.66
CA ILE A 69 -5.99 -0.62 11.31
C ILE A 69 -7.28 0.17 11.36
N LEU A 70 -8.22 -0.21 12.24
CA LEU A 70 -9.50 0.48 12.29
C LEU A 70 -9.34 1.95 12.65
N PRO A 71 -8.68 2.33 13.75
CA PRO A 71 -8.41 3.75 13.98
C PRO A 71 -7.48 4.35 12.95
N LEU A 72 -6.58 3.56 12.37
CA LEU A 72 -5.66 4.09 11.36
C LEU A 72 -6.40 4.46 10.08
N ILE A 73 -7.31 3.60 9.63
CA ILE A 73 -8.05 3.89 8.41
C ILE A 73 -8.94 5.11 8.60
N ILE A 74 -9.67 5.17 9.71
CA ILE A 74 -10.62 6.25 9.92
C ILE A 74 -9.90 7.58 10.07
N SER A 75 -8.88 7.63 10.91
CA SER A 75 -8.19 8.88 11.18
C SER A 75 -7.42 9.35 9.96
N SER A 76 -6.77 8.44 9.24
CA SER A 76 -5.93 8.84 8.12
C SER A 76 -6.76 9.28 6.92
N MET A 77 -7.88 8.60 6.64
CA MET A 77 -8.72 8.98 5.51
C MET A 77 -9.40 10.32 5.74
N ILE A 78 -9.87 10.56 6.96
CA ILE A 78 -10.56 11.82 7.24
C ILE A 78 -9.57 12.98 7.22
N THR A 79 -8.42 12.82 7.88
CA THR A 79 -7.44 13.89 7.89
C THR A 79 -6.78 14.07 6.53
N GLY A 80 -6.49 12.96 5.83
CA GLY A 80 -5.88 13.06 4.53
C GLY A 80 -6.78 13.74 3.51
N VAL A 81 -8.05 13.34 3.48
CA VAL A 81 -8.99 13.92 2.53
C VAL A 81 -9.23 15.39 2.85
N ALA A 82 -9.40 15.72 4.13
CA ALA A 82 -9.59 17.11 4.53
C ALA A 82 -8.35 17.94 4.23
N ALA A 83 -7.17 17.35 4.39
CA ALA A 83 -5.93 18.05 4.08
C ALA A 83 -5.83 18.33 2.58
N LEU A 84 -6.21 17.36 1.75
CA LEU A 84 -6.14 17.56 0.30
C LEU A 84 -7.01 18.73 -0.14
N ASP A 85 -8.21 18.86 0.42
CA ASP A 85 -9.09 19.95 0.04
C ASP A 85 -8.42 21.30 0.31
N SER A 86 -7.81 21.44 1.49
CA SER A 86 -7.12 22.69 1.81
C SER A 86 -5.91 22.88 0.90
N ASN A 87 -5.18 21.81 0.60
CA ASN A 87 -3.95 21.94 -0.17
C ASN A 87 -4.24 22.47 -1.57
N VAL A 88 -5.28 21.96 -2.22
CA VAL A 88 -5.64 22.35 -3.57
C VAL A 88 -6.73 23.41 -3.50
N SER A 89 -6.48 24.57 -4.11
CA SER A 89 -7.45 25.65 -4.13
C SER A 89 -7.49 26.33 -5.49
N GLY A 90 -7.07 25.63 -6.54
CA GLY A 90 -7.03 26.22 -7.87
C GLY A 90 -6.96 25.16 -8.94
N LYS A 91 -7.07 25.60 -10.18
CA LYS A 91 -7.02 24.68 -11.31
C LYS A 91 -5.69 23.93 -11.35
N ILE A 92 -4.61 24.57 -10.89
CA ILE A 92 -3.32 23.89 -10.81
C ILE A 92 -3.40 22.74 -9.81
N GLY A 93 -4.09 22.95 -8.69
CA GLY A 93 -4.12 21.94 -7.64
C GLY A 93 -4.81 20.65 -8.09
N LEU A 94 -5.98 20.78 -8.71
CA LEU A 94 -6.74 19.59 -9.08
C LEU A 94 -6.02 18.78 -10.14
N ARG A 95 -5.34 19.45 -11.07
CA ARG A 95 -4.61 18.73 -12.12
C ARG A 95 -3.50 17.87 -11.52
N ALA A 96 -2.78 18.41 -10.54
CA ALA A 96 -1.74 17.63 -9.88
C ALA A 96 -2.33 16.42 -9.16
N VAL A 97 -3.44 16.62 -8.45
CA VAL A 97 -4.07 15.51 -7.74
C VAL A 97 -4.61 14.48 -8.73
N VAL A 98 -5.25 14.94 -9.81
CA VAL A 98 -5.78 14.01 -10.80
C VAL A 98 -4.64 13.16 -11.37
N TYR A 99 -3.51 13.80 -11.69
CA TYR A 99 -2.37 13.05 -12.20
C TYR A 99 -1.91 12.01 -11.19
N TYR A 100 -1.74 12.42 -9.92
CA TYR A 100 -1.27 11.51 -8.89
C TYR A 100 -2.15 10.28 -8.81
N PHE A 101 -3.46 10.47 -8.79
CA PHE A 101 -4.39 9.35 -8.70
C PHE A 101 -4.26 8.45 -9.92
N CYS A 102 -4.11 9.05 -11.10
CA CYS A 102 -4.02 8.26 -12.33
C CYS A 102 -2.80 7.35 -12.32
N THR A 103 -1.63 7.89 -11.97
CA THR A 103 -0.42 7.07 -11.96
C THR A 103 -0.51 5.95 -10.93
N THR A 104 -1.00 6.27 -9.73
CA THR A 104 -1.09 5.26 -8.68
C THR A 104 -2.04 4.14 -9.11
N LEU A 105 -3.17 4.50 -9.72
CA LEU A 105 -4.10 3.48 -10.20
C LEU A 105 -3.45 2.63 -11.29
N ILE A 106 -2.73 3.25 -12.21
CA ILE A 106 -2.06 2.50 -13.28
C ILE A 106 -1.04 1.53 -12.69
N ALA A 107 -0.28 1.98 -11.70
CA ALA A 107 0.70 1.11 -11.06
C ALA A 107 0.04 -0.14 -10.50
N VAL A 108 -1.09 0.03 -9.81
CA VAL A 108 -1.79 -1.10 -9.24
C VAL A 108 -2.28 -2.04 -10.33
N ILE A 109 -2.84 -1.49 -11.40
CA ILE A 109 -3.38 -2.32 -12.48
C ILE A 109 -2.27 -3.13 -13.12
N LEU A 110 -1.10 -2.52 -13.34
CA LEU A 110 0.01 -3.25 -13.93
C LEU A 110 0.44 -4.41 -13.05
N GLY A 111 0.52 -4.19 -11.74
CA GLY A 111 0.92 -5.27 -10.84
C GLY A 111 -0.05 -6.44 -10.87
N ILE A 112 -1.35 -6.14 -10.88
CA ILE A 112 -2.35 -7.20 -10.86
C ILE A 112 -2.26 -8.05 -12.11
N VAL A 113 -1.94 -7.45 -13.25
CA VAL A 113 -1.86 -8.20 -14.50
C VAL A 113 -0.74 -9.23 -14.42
N LEU A 114 0.41 -8.83 -13.86
CA LEU A 114 1.59 -9.69 -13.87
C LEU A 114 1.37 -10.95 -13.05
N VAL A 115 0.81 -10.82 -11.85
CA VAL A 115 0.70 -11.98 -10.96
C VAL A 115 -0.18 -13.06 -11.59
N VAL A 116 -1.30 -12.66 -12.19
CA VAL A 116 -2.19 -13.65 -12.79
C VAL A 116 -1.50 -14.35 -13.95
N SER A 117 -0.65 -13.65 -14.68
CA SER A 117 0.08 -14.26 -15.78
C SER A 117 1.30 -15.02 -15.29
N ILE A 118 2.17 -14.35 -14.53
CA ILE A 118 3.37 -15.02 -14.01
C ILE A 118 2.98 -16.14 -13.05
N LYS A 119 1.99 -15.89 -12.20
CA LYS A 119 1.53 -16.90 -11.24
C LYS A 119 2.69 -17.36 -10.38
N PRO A 120 3.22 -16.50 -9.50
CA PRO A 120 4.39 -16.90 -8.70
C PRO A 120 4.07 -17.95 -7.66
N GLY A 121 2.97 -17.77 -6.92
CA GLY A 121 2.69 -18.63 -5.78
C GLY A 121 1.75 -19.77 -6.06
N VAL A 122 1.91 -20.41 -7.22
CA VAL A 122 1.06 -21.51 -7.63
C VAL A 122 1.87 -22.80 -7.66
N THR A 123 1.17 -23.92 -7.46
CA THR A 123 1.80 -25.23 -7.43
C THR A 123 2.86 -25.30 -6.33
N SER A 139 -20.08 -16.07 -8.83
CA SER A 139 -20.38 -15.40 -10.09
C SER A 139 -19.67 -14.05 -10.17
N THR A 140 -19.33 -13.64 -11.40
CA THR A 140 -18.67 -12.36 -11.59
C THR A 140 -19.65 -11.20 -11.37
N VAL A 141 -20.89 -11.35 -11.86
CA VAL A 141 -21.87 -10.28 -11.69
C VAL A 141 -22.16 -10.06 -10.22
N ASP A 142 -22.35 -11.14 -9.46
CA ASP A 142 -22.64 -11.01 -8.04
C ASP A 142 -21.47 -10.36 -7.30
N ALA A 143 -20.24 -10.73 -7.66
CA ALA A 143 -19.07 -10.15 -7.00
C ALA A 143 -18.98 -8.65 -7.25
N MET A 144 -19.31 -8.21 -8.46
CA MET A 144 -19.28 -6.79 -8.76
C MET A 144 -20.31 -6.03 -7.93
N LEU A 145 -21.52 -6.56 -7.81
CA LEU A 145 -22.54 -5.90 -7.02
C LEU A 145 -22.21 -5.94 -5.54
N ASP A 146 -21.60 -7.03 -5.07
CA ASP A 146 -21.14 -7.08 -3.69
C ASP A 146 -20.15 -5.98 -3.40
N LEU A 147 -19.32 -5.62 -4.38
CA LEU A 147 -18.36 -4.53 -4.19
C LEU A 147 -19.07 -3.23 -3.89
N ILE A 148 -20.08 -2.89 -4.69
CA ILE A 148 -20.80 -1.63 -4.50
C ILE A 148 -21.61 -1.69 -3.22
N ARG A 149 -22.16 -2.85 -2.89
CA ARG A 149 -22.91 -2.98 -1.64
C ARG A 149 -22.02 -2.74 -0.44
N ASN A 150 -20.78 -3.23 -0.48
CA ASN A 150 -19.85 -3.04 0.62
C ASN A 150 -19.29 -1.63 0.69
N MET A 151 -19.32 -0.88 -0.41
CA MET A 151 -18.93 0.53 -0.36
C MET A 151 -19.98 1.38 0.33
N PHE A 152 -21.19 0.86 0.50
CA PHE A 152 -22.27 1.56 1.18
C PHE A 152 -22.85 0.64 2.25
N PRO A 153 -22.11 0.42 3.33
CA PRO A 153 -22.61 -0.47 4.38
C PRO A 153 -23.86 0.06 5.04
N GLU A 154 -24.72 -0.86 5.47
CA GLU A 154 -25.97 -0.50 6.12
C GLU A 154 -25.79 -0.10 7.58
N ASN A 155 -24.61 -0.30 8.15
CA ASN A 155 -24.33 0.12 9.51
C ASN A 155 -22.85 0.50 9.60
N LEU A 156 -22.57 1.63 10.24
CA LEU A 156 -21.20 2.08 10.37
C LEU A 156 -20.44 1.27 11.42
N VAL A 157 -21.09 0.90 12.52
CA VAL A 157 -20.42 0.14 13.56
C VAL A 157 -20.14 -1.27 13.07
N GLN A 158 -21.09 -1.90 12.37
CA GLN A 158 -20.85 -3.25 11.86
C GLN A 158 -19.83 -3.25 10.74
N ALA A 159 -19.70 -2.15 10.00
CA ALA A 159 -18.68 -2.08 8.95
C ALA A 159 -17.28 -2.22 9.52
N CYS A 160 -17.11 -2.01 10.82
CA CYS A 160 -15.81 -2.19 11.45
C CYS A 160 -15.42 -3.66 11.58
N PHE A 161 -16.39 -4.57 11.63
CA PHE A 161 -16.06 -5.98 11.84
C PHE A 161 -16.90 -6.94 10.99
N GLN A 162 -17.66 -6.46 10.01
CA GLN A 162 -18.50 -7.34 9.21
C GLN A 162 -18.50 -6.89 7.77
N GLN A 163 -18.70 -7.84 6.87
CA GLN A 163 -18.78 -7.59 5.44
C GLN A 163 -20.01 -8.27 4.88
N TYR A 164 -20.57 -7.70 3.82
CA TYR A 164 -21.76 -8.23 3.18
C TYR A 164 -21.36 -9.18 2.06
N LYS A 165 -21.97 -10.37 2.05
CA LYS A 165 -21.70 -11.39 1.04
C LYS A 165 -23.04 -11.90 0.53
N THR A 166 -23.18 -11.93 -0.80
CA THR A 166 -24.38 -12.45 -1.43
C THR A 166 -24.13 -13.83 -2.01
N LYS A 167 -25.22 -14.57 -2.20
CA LYS A 167 -25.15 -15.91 -2.76
C LYS A 167 -26.38 -16.14 -3.62
N ARG A 168 -26.19 -16.85 -4.73
CA ARG A 168 -27.26 -17.19 -5.65
C ARG A 168 -27.78 -18.58 -5.32
N GLU A 169 -29.08 -18.68 -5.09
CA GLU A 169 -29.70 -19.95 -4.75
C GLU A 169 -31.07 -20.03 -5.39
N GLU A 170 -31.83 -21.06 -5.02
CA GLU A 170 -33.18 -21.24 -5.54
C GLU A 170 -34.07 -21.84 -4.45
N GLU A 201 -35.35 -19.09 -12.23
CA GLU A 201 -35.38 -20.05 -11.13
C GLU A 201 -34.15 -19.90 -10.24
N TYR A 202 -33.85 -18.66 -9.89
CA TYR A 202 -32.73 -18.35 -9.00
C TYR A 202 -33.07 -17.09 -8.22
N LYS A 203 -32.69 -17.09 -6.94
CA LYS A 203 -32.86 -15.92 -6.08
C LYS A 203 -31.54 -15.61 -5.39
N ILE A 204 -31.32 -14.34 -5.07
CA ILE A 204 -30.09 -13.88 -4.44
C ILE A 204 -30.41 -13.53 -2.99
N VAL A 205 -29.68 -14.15 -2.07
CA VAL A 205 -29.82 -13.90 -0.65
C VAL A 205 -28.46 -13.59 -0.07
N GLY A 206 -28.39 -12.55 0.76
CA GLY A 206 -27.12 -12.10 1.32
C GLY A 206 -26.99 -12.29 2.81
N MET A 207 -25.76 -12.26 3.30
CA MET A 207 -25.47 -12.44 4.72
C MET A 207 -24.26 -11.61 5.09
N TYR A 208 -24.13 -11.30 6.37
CA TYR A 208 -23.05 -10.46 6.87
C TYR A 208 -22.01 -11.35 7.52
N SER A 209 -21.01 -11.75 6.75
CA SER A 209 -19.91 -12.54 7.28
C SER A 209 -18.91 -11.64 8.00
N ASP A 210 -18.02 -12.27 8.76
CA ASP A 210 -17.04 -11.53 9.55
C ASP A 210 -15.95 -10.97 8.64
N GLY A 211 -15.19 -10.02 9.20
CA GLY A 211 -14.11 -9.37 8.45
C GLY A 211 -14.40 -7.89 8.29
N ILE A 212 -13.45 -7.07 8.71
CA ILE A 212 -13.63 -5.63 8.64
C ILE A 212 -13.95 -5.22 7.21
N ASN A 213 -14.85 -4.26 7.07
CA ASN A 213 -15.22 -3.72 5.77
C ASN A 213 -14.35 -2.51 5.48
N VAL A 214 -13.19 -2.75 4.86
CA VAL A 214 -12.27 -1.66 4.58
C VAL A 214 -12.84 -0.72 3.53
N LEU A 215 -13.51 -1.27 2.52
CA LEU A 215 -14.08 -0.41 1.48
C LEU A 215 -15.16 0.51 2.03
N GLY A 216 -16.03 -0.01 2.88
CA GLY A 216 -17.07 0.81 3.46
C GLY A 216 -16.52 1.91 4.34
N LEU A 217 -15.51 1.58 5.15
CA LEU A 217 -14.88 2.59 5.99
C LEU A 217 -14.14 3.63 5.17
N ILE A 218 -13.44 3.20 4.12
CA ILE A 218 -12.69 4.14 3.29
C ILE A 218 -13.65 5.10 2.59
N VAL A 219 -14.73 4.57 2.02
CA VAL A 219 -15.64 5.41 1.26
C VAL A 219 -16.32 6.44 2.17
N PHE A 220 -16.84 5.99 3.31
CA PHE A 220 -17.51 6.93 4.22
C PHE A 220 -16.53 7.98 4.73
N CYS A 221 -15.34 7.55 5.15
CA CYS A 221 -14.34 8.49 5.62
C CYS A 221 -13.91 9.45 4.53
N LEU A 222 -13.96 9.02 3.27
CA LEU A 222 -13.73 9.94 2.16
C LEU A 222 -14.85 10.98 2.08
N VAL A 223 -16.10 10.53 2.11
CA VAL A 223 -17.22 11.47 2.05
C VAL A 223 -17.21 12.37 3.29
N PHE A 224 -16.99 11.78 4.46
CA PHE A 224 -16.95 12.57 5.69
C PHE A 224 -15.82 13.58 5.66
N GLY A 225 -14.63 13.16 5.24
CA GLY A 225 -13.51 14.08 5.18
C GLY A 225 -13.75 15.24 4.24
N LEU A 226 -14.40 14.98 3.11
CA LEU A 226 -14.74 16.05 2.18
C LEU A 226 -15.74 17.02 2.79
N VAL A 227 -16.79 16.50 3.42
CA VAL A 227 -17.80 17.35 4.03
C VAL A 227 -17.20 18.16 5.17
N ILE A 228 -16.41 17.52 6.02
CA ILE A 228 -15.83 18.20 7.18
C ILE A 228 -14.85 19.29 6.72
N GLY A 229 -14.09 19.01 5.67
CA GLY A 229 -13.13 20.00 5.20
C GLY A 229 -13.80 21.28 4.73
N LYS A 230 -14.90 21.17 4.00
CA LYS A 230 -15.56 22.31 3.40
C LYS A 230 -16.55 22.99 4.35
N MET A 231 -16.72 22.48 5.57
CA MET A 231 -17.64 23.08 6.53
C MET A 231 -17.05 24.33 7.17
N GLY A 232 -15.79 24.64 6.93
CA GLY A 232 -15.21 25.86 7.46
C GLY A 232 -14.91 25.73 8.94
N GLU A 233 -15.12 26.83 9.66
CA GLU A 233 -14.81 26.86 11.08
C GLU A 233 -15.72 25.93 11.88
N LYS A 234 -16.92 25.65 11.37
CA LYS A 234 -17.84 24.79 12.10
C LYS A 234 -17.28 23.38 12.28
N GLY A 235 -16.65 22.85 11.25
CA GLY A 235 -16.07 21.53 11.29
C GLY A 235 -14.62 21.49 11.75
N GLN A 236 -14.08 22.61 12.23
CA GLN A 236 -12.68 22.61 12.65
C GLN A 236 -12.45 21.73 13.86
N ILE A 237 -13.44 21.59 14.74
CA ILE A 237 -13.29 20.71 15.90
C ILE A 237 -13.17 19.27 15.44
N LEU A 238 -13.85 18.91 14.35
CA LEU A 238 -13.76 17.55 13.83
C LEU A 238 -12.45 17.32 13.09
N VAL A 239 -11.96 18.34 12.39
CA VAL A 239 -10.64 18.23 11.76
C VAL A 239 -9.58 18.09 12.84
N ASP A 240 -9.65 18.92 13.88
CA ASP A 240 -8.68 18.83 14.97
C ASP A 240 -8.77 17.48 15.67
N PHE A 241 -10.00 16.99 15.87
CA PHE A 241 -10.17 15.72 16.58
C PHE A 241 -9.49 14.58 15.84
N PHE A 242 -9.67 14.51 14.52
CA PHE A 242 -9.09 13.42 13.76
C PHE A 242 -7.63 13.68 13.41
N ASN A 243 -7.22 14.95 13.36
CA ASN A 243 -5.80 15.25 13.24
C ASN A 243 -5.04 14.73 14.46
N ALA A 244 -5.59 14.94 15.66
CA ALA A 244 -4.97 14.42 16.86
C ALA A 244 -5.10 12.91 16.94
N LEU A 245 -6.23 12.36 16.46
CA LEU A 245 -6.42 10.93 16.48
C LEU A 245 -5.43 10.23 15.54
N SER A 246 -5.21 10.78 14.35
CA SER A 246 -4.26 10.18 13.43
C SER A 246 -2.84 10.29 13.98
N ASP A 247 -2.50 11.43 14.59
CA ASP A 247 -1.18 11.57 15.19
C ASP A 247 -1.00 10.58 16.34
N ALA A 248 -2.02 10.41 17.17
CA ALA A 248 -1.93 9.46 18.27
C ALA A 248 -1.83 8.02 17.75
N THR A 249 -2.63 7.67 16.74
CA THR A 249 -2.61 6.30 16.23
C THR A 249 -1.28 5.98 15.56
N MET A 250 -0.62 6.97 14.96
CA MET A 250 0.68 6.74 14.36
C MET A 250 1.76 6.55 15.41
N LYS A 251 1.59 7.16 16.59
CA LYS A 251 2.51 6.91 17.69
C LYS A 251 2.30 5.53 18.28
N ILE A 252 1.07 5.02 18.25
CA ILE A 252 0.82 3.64 18.66
C ILE A 252 1.41 2.67 17.65
N VAL A 253 1.33 3.01 16.36
CA VAL A 253 1.96 2.18 15.34
C VAL A 253 3.46 2.09 15.56
N GLN A 254 4.07 3.20 15.99
CA GLN A 254 5.50 3.17 16.31
C GLN A 254 5.79 2.24 17.47
N ILE A 255 4.92 2.24 18.48
CA ILE A 255 5.11 1.35 19.63
C ILE A 255 5.02 -0.10 19.19
N ILE A 256 4.12 -0.40 18.25
CA ILE A 256 3.97 -1.76 17.75
C ILE A 256 5.20 -2.16 16.95
N MET A 257 5.78 -1.23 16.19
CA MET A 257 6.96 -1.53 15.40
C MET A 257 8.18 -1.79 16.28
N CYS A 258 8.16 -1.36 17.54
CA CYS A 258 9.22 -1.76 18.46
C CYS A 258 9.16 -3.24 18.76
N TYR A 259 7.96 -3.80 18.88
CA TYR A 259 7.76 -5.22 19.08
C TYR A 259 7.86 -6.04 17.81
N MET A 260 7.83 -5.39 16.64
CA MET A 260 7.79 -6.13 15.38
C MET A 260 8.98 -7.06 15.21
N PRO A 261 10.21 -6.66 15.49
CA PRO A 261 11.34 -7.60 15.28
C PRO A 261 11.19 -8.90 16.05
N LEU A 262 10.71 -8.85 17.28
CA LEU A 262 10.52 -10.07 18.07
C LEU A 262 9.35 -10.88 17.54
N GLY A 263 8.28 -10.22 17.12
CA GLY A 263 7.16 -10.94 16.53
C GLY A 263 7.52 -11.56 15.19
N ILE A 264 8.29 -10.85 14.38
CA ILE A 264 8.71 -11.39 13.08
C ILE A 264 9.70 -12.53 13.26
N LEU A 265 10.49 -12.50 14.34
CA LEU A 265 11.45 -13.58 14.58
C LEU A 265 10.74 -14.92 14.72
N PHE A 266 9.66 -14.96 15.49
CA PHE A 266 8.93 -16.20 15.73
C PHE A 266 7.98 -16.54 14.59
N LEU A 267 7.69 -15.60 13.71
CA LEU A 267 6.83 -15.86 12.56
C LEU A 267 7.62 -16.42 11.38
N ILE A 268 8.82 -15.88 11.13
CA ILE A 268 9.71 -16.47 10.13
C ILE A 268 10.10 -17.88 10.56
N ALA A 269 10.44 -18.06 11.84
CA ALA A 269 10.82 -19.37 12.32
C ALA A 269 9.67 -20.36 12.21
N GLY A 270 8.46 -19.93 12.53
CA GLY A 270 7.32 -20.82 12.41
C GLY A 270 7.09 -21.30 10.98
N LYS A 271 7.22 -20.39 10.01
CA LYS A 271 7.08 -20.78 8.62
C LYS A 271 8.15 -21.79 8.22
N ILE A 272 9.38 -21.57 8.67
CA ILE A 272 10.47 -22.48 8.32
C ILE A 272 10.21 -23.88 8.87
N ILE A 273 9.74 -23.97 10.11
CA ILE A 273 9.54 -25.28 10.74
C ILE A 273 8.43 -26.05 10.02
N GLU A 274 7.30 -25.39 9.77
CA GLU A 274 6.15 -26.10 9.22
C GLU A 274 6.44 -26.65 7.83
N VAL A 275 7.11 -25.87 6.98
CA VAL A 275 7.31 -26.28 5.60
C VAL A 275 8.38 -27.36 5.53
N GLU A 276 8.07 -28.45 4.83
CA GLU A 276 9.01 -29.54 4.64
C GLU A 276 9.71 -29.49 3.29
N ASP A 277 9.22 -28.69 2.36
CA ASP A 277 9.82 -28.53 1.04
C ASP A 277 10.35 -27.11 0.89
N TRP A 278 11.57 -26.99 0.38
CA TRP A 278 12.19 -25.69 0.17
C TRP A 278 11.74 -25.02 -1.11
N GLU A 279 10.68 -25.52 -1.74
CA GLU A 279 10.14 -24.91 -2.94
C GLU A 279 9.45 -23.59 -2.67
N ILE A 280 9.14 -23.29 -1.40
CA ILE A 280 8.60 -21.99 -1.06
C ILE A 280 9.60 -20.89 -1.39
N PHE A 281 10.90 -21.20 -1.32
CA PHE A 281 11.91 -20.22 -1.69
C PHE A 281 11.81 -19.87 -3.17
N ARG A 282 11.51 -20.85 -4.02
CA ARG A 282 11.27 -20.55 -5.42
C ARG A 282 10.07 -19.63 -5.59
N LYS A 283 8.96 -19.95 -4.93
CA LYS A 283 7.77 -19.11 -5.05
C LYS A 283 8.06 -17.68 -4.58
N LEU A 284 8.74 -17.55 -3.45
CA LEU A 284 9.10 -16.22 -2.97
C LEU A 284 10.04 -15.52 -3.93
N GLY A 285 10.95 -16.27 -4.56
CA GLY A 285 11.81 -15.66 -5.56
C GLY A 285 11.05 -15.15 -6.76
N LEU A 286 10.05 -15.91 -7.21
CA LEU A 286 9.22 -15.47 -8.32
C LEU A 286 8.47 -14.19 -7.96
N TYR A 287 7.93 -14.12 -6.73
CA TYR A 287 7.28 -12.90 -6.28
C TYR A 287 8.24 -11.72 -6.32
N MET A 288 9.47 -11.93 -5.87
CA MET A 288 10.47 -10.87 -5.95
C MET A 288 10.66 -10.40 -7.39
N ALA A 289 10.72 -11.35 -8.33
CA ALA A 289 10.84 -10.98 -9.74
C ALA A 289 9.58 -10.27 -10.23
N THR A 290 8.40 -10.76 -9.84
CA THR A 290 7.16 -10.15 -10.32
C THR A 290 7.07 -8.69 -9.92
N VAL A 291 7.38 -8.37 -8.66
CA VAL A 291 7.39 -6.98 -8.24
C VAL A 291 8.47 -6.20 -8.97
N LEU A 292 9.66 -6.78 -9.09
CA LEU A 292 10.73 -6.10 -9.80
C LEU A 292 10.39 -5.89 -11.27
N THR A 293 9.79 -6.90 -11.91
CA THR A 293 9.36 -6.74 -13.29
C THR A 293 8.32 -5.64 -13.41
N GLY A 294 7.31 -5.64 -12.53
CA GLY A 294 6.30 -4.61 -12.59
C GLY A 294 6.84 -3.22 -12.30
N LEU A 295 7.70 -3.11 -11.28
CA LEU A 295 8.30 -1.81 -10.98
C LEU A 295 9.15 -1.32 -12.13
N ALA A 296 9.87 -2.23 -12.79
CA ALA A 296 10.69 -1.83 -13.93
C ALA A 296 9.83 -1.33 -15.08
N ILE A 297 8.77 -2.07 -15.42
CA ILE A 297 7.91 -1.70 -16.54
C ILE A 297 7.25 -0.34 -16.27
N HIS A 298 6.73 -0.15 -15.07
CA HIS A 298 6.08 1.12 -14.74
C HIS A 298 7.04 2.30 -14.80
N SER A 299 8.34 2.07 -14.68
CA SER A 299 9.30 3.17 -14.65
C SER A 299 9.87 3.49 -16.02
N ILE A 300 9.87 2.54 -16.95
CA ILE A 300 10.46 2.74 -18.26
C ILE A 300 9.48 2.54 -19.40
N VAL A 301 8.33 1.92 -19.18
CA VAL A 301 7.38 1.66 -20.24
C VAL A 301 6.01 2.27 -19.99
N ILE A 302 5.71 2.70 -18.76
CA ILE A 302 4.42 3.33 -18.47
C ILE A 302 4.64 4.82 -18.19
N LEU A 303 5.38 5.12 -17.12
CA LEU A 303 5.55 6.51 -16.73
C LEU A 303 6.13 7.37 -17.85
N PRO A 304 7.16 6.93 -18.60
CA PRO A 304 7.68 7.80 -19.66
C PRO A 304 6.70 8.09 -20.78
N LEU A 305 5.97 7.07 -21.25
CA LEU A 305 5.02 7.30 -22.34
C LEU A 305 3.95 8.29 -21.92
N ILE A 306 3.50 8.22 -20.67
CA ILE A 306 2.56 9.22 -20.17
C ILE A 306 3.17 10.60 -20.24
N TYR A 307 4.45 10.72 -19.84
CA TYR A 307 5.15 11.98 -20.03
C TYR A 307 5.29 12.32 -21.50
N PHE A 308 5.58 11.32 -22.34
CA PHE A 308 5.65 11.56 -23.78
C PHE A 308 4.30 12.05 -24.30
N ILE A 309 3.22 11.35 -23.96
CA ILE A 309 1.92 11.68 -24.51
C ILE A 309 1.53 13.10 -24.15
N VAL A 310 1.70 13.47 -22.89
CA VAL A 310 1.37 14.82 -22.46
C VAL A 310 2.47 15.79 -22.85
N VAL A 311 3.68 15.55 -22.35
CA VAL A 311 4.83 16.39 -22.67
C VAL A 311 5.52 15.77 -23.89
N ARG A 312 5.46 16.48 -25.02
CA ARG A 312 5.98 15.94 -26.27
C ARG A 312 7.48 15.69 -26.22
N LYS A 313 8.19 16.26 -25.25
CA LYS A 313 9.63 16.12 -25.18
C LYS A 313 10.02 14.67 -24.87
N ASN A 314 11.31 14.39 -24.99
CA ASN A 314 11.80 13.06 -24.71
C ASN A 314 11.69 12.77 -23.22
N PRO A 315 11.23 11.57 -22.82
CA PRO A 315 11.07 11.29 -21.39
C PRO A 315 12.38 10.91 -20.72
N PHE A 316 13.21 10.15 -21.42
CA PHE A 316 14.46 9.68 -20.84
C PHE A 316 15.47 10.81 -20.65
N ARG A 317 15.36 11.89 -21.42
CA ARG A 317 16.11 13.09 -21.10
C ARG A 317 15.66 13.64 -19.75
N PHE A 318 14.35 13.66 -19.50
CA PHE A 318 13.84 14.13 -18.22
C PHE A 318 14.17 13.16 -17.10
N ALA A 319 13.95 11.86 -17.34
CA ALA A 319 14.26 10.86 -16.31
C ALA A 319 15.74 10.82 -16.00
N MET A 320 16.59 10.87 -17.04
CA MET A 320 18.03 10.93 -16.82
C MET A 320 18.41 12.17 -16.03
N GLY A 321 17.57 13.20 -16.04
CA GLY A 321 17.90 14.43 -15.37
C GLY A 321 17.81 14.38 -13.86
N MET A 322 17.14 13.36 -13.29
CA MET A 322 17.05 13.21 -11.85
C MET A 322 17.81 11.99 -11.36
N ALA A 323 19.00 11.74 -11.89
CA ALA A 323 19.86 10.72 -11.32
C ALA A 323 20.20 11.05 -9.87
N GLN A 324 20.43 12.34 -9.59
CA GLN A 324 20.76 12.75 -8.23
C GLN A 324 19.63 12.42 -7.27
N ALA A 325 18.39 12.77 -7.65
CA ALA A 325 17.25 12.48 -6.78
C ALA A 325 17.01 10.99 -6.66
N LEU A 326 17.09 10.25 -7.77
CA LEU A 326 16.93 8.80 -7.70
C LEU A 326 18.03 8.17 -6.87
N LEU A 327 19.28 8.61 -7.07
CA LEU A 327 20.39 8.08 -6.28
C LEU A 327 20.18 8.38 -4.80
N THR A 328 19.76 9.61 -4.49
CA THR A 328 19.45 9.95 -3.11
C THR A 328 18.29 9.11 -2.58
N ALA A 329 17.34 8.75 -3.44
CA ALA A 329 16.24 7.89 -3.03
C ALA A 329 16.69 6.46 -2.76
N LEU A 330 17.86 6.06 -3.25
CA LEU A 330 18.43 4.76 -2.95
C LEU A 330 19.36 4.79 -1.74
N MET A 331 19.70 5.97 -1.23
CA MET A 331 20.54 6.11 -0.06
C MET A 331 19.74 6.30 1.21
N ILE A 332 18.77 7.21 1.20
CA ILE A 332 17.93 7.44 2.38
C ILE A 332 16.66 6.60 2.35
N SER A 333 16.18 6.21 1.16
CA SER A 333 14.99 5.39 1.04
C SER A 333 13.80 6.03 1.73
N SER A 334 13.69 7.35 1.61
CA SER A 334 12.57 8.12 2.16
C SER A 334 12.30 9.28 1.22
N SER A 335 11.23 9.19 0.45
CA SER A 335 10.94 10.21 -0.56
C SER A 335 10.89 11.60 0.07
N SER A 336 10.38 11.70 1.29
CA SER A 336 10.34 13.00 1.95
C SER A 336 11.75 13.54 2.18
N ALA A 337 12.69 12.67 2.53
CA ALA A 337 14.06 13.11 2.78
C ALA A 337 14.77 13.55 1.50
N THR A 338 14.30 13.11 0.34
CA THR A 338 14.90 13.49 -0.93
C THR A 338 14.31 14.76 -1.52
N LEU A 339 13.38 15.42 -0.81
CA LEU A 339 12.75 16.63 -1.34
C LEU A 339 13.78 17.70 -1.67
N PRO A 340 14.75 18.02 -0.82
CA PRO A 340 15.72 19.06 -1.19
C PRO A 340 16.45 18.77 -2.50
N VAL A 341 16.82 17.51 -2.74
CA VAL A 341 17.46 17.16 -4.00
C VAL A 341 16.45 17.23 -5.14
N THR A 342 15.22 16.75 -4.90
CA THR A 342 14.22 16.75 -5.96
C THR A 342 13.92 18.17 -6.44
N PHE A 343 13.81 19.12 -5.51
CA PHE A 343 13.63 20.51 -5.92
C PHE A 343 14.78 20.97 -6.79
N ARG A 344 16.02 20.74 -6.34
CA ARG A 344 17.18 21.24 -7.08
C ARG A 344 17.20 20.68 -8.49
N CYS A 345 16.88 19.39 -8.64
CA CYS A 345 16.83 18.80 -9.97
C CYS A 345 15.77 19.47 -10.82
N ALA A 346 14.61 19.76 -10.23
CA ALA A 346 13.51 20.35 -11.00
C ALA A 346 13.87 21.73 -11.51
N GLU A 347 14.56 22.54 -10.70
CA GLU A 347 14.91 23.90 -11.10
C GLU A 347 16.20 23.99 -11.87
N GLU A 348 17.21 23.18 -11.53
CA GLU A 348 18.55 23.35 -12.09
C GLU A 348 18.72 22.60 -13.40
N ASN A 349 18.58 21.27 -13.37
CA ASN A 349 18.84 20.49 -14.57
C ASN A 349 17.69 20.61 -15.58
N ASN A 350 16.45 20.55 -15.10
CA ASN A 350 15.29 20.71 -15.95
C ASN A 350 14.74 22.13 -15.80
N GLN A 351 13.73 22.46 -16.61
CA GLN A 351 13.13 23.79 -16.64
C GLN A 351 11.67 23.65 -16.23
N VAL A 352 11.42 23.73 -14.92
CA VAL A 352 10.07 23.74 -14.37
C VAL A 352 9.97 24.91 -13.41
N ASP A 353 8.94 25.73 -13.58
CA ASP A 353 8.82 26.96 -12.79
C ASP A 353 8.75 26.63 -11.32
N LYS A 354 9.37 27.48 -10.50
CA LYS A 354 9.52 27.16 -9.08
C LYS A 354 8.16 27.04 -8.38
N ARG A 355 7.16 27.79 -8.84
CA ARG A 355 5.87 27.80 -8.15
C ARG A 355 5.13 26.48 -8.33
N ILE A 356 5.16 25.92 -9.54
CA ILE A 356 4.52 24.63 -9.79
C ILE A 356 5.24 23.53 -9.00
N THR A 357 6.57 23.55 -8.98
CA THR A 357 7.32 22.48 -8.33
C THR A 357 7.08 22.47 -6.83
N ARG A 358 7.06 23.65 -6.20
CA ARG A 358 6.90 23.70 -4.75
C ARG A 358 5.50 23.31 -4.30
N PHE A 359 4.56 23.15 -5.21
CA PHE A 359 3.27 22.56 -4.87
C PHE A 359 3.23 21.08 -5.20
N VAL A 360 3.56 20.74 -6.44
CA VAL A 360 3.42 19.30 -6.84
C VAL A 360 4.31 18.44 -5.96
N LEU A 361 5.61 18.74 -5.86
CA LEU A 361 6.52 17.81 -5.20
C LEU A 361 6.18 17.57 -3.74
N PRO A 362 5.94 18.60 -2.91
CA PRO A 362 5.58 18.31 -1.51
C PRO A 362 4.35 17.43 -1.37
N VAL A 363 3.34 17.63 -2.22
CA VAL A 363 2.15 16.78 -2.15
C VAL A 363 2.49 15.37 -2.61
N GLY A 364 3.27 15.25 -3.69
CA GLY A 364 3.66 13.93 -4.16
C GLY A 364 4.54 13.17 -3.19
N ALA A 365 5.20 13.87 -2.28
CA ALA A 365 6.05 13.19 -1.30
C ALA A 365 5.25 12.32 -0.35
N THR A 366 3.94 12.56 -0.23
CA THR A 366 3.09 11.79 0.67
C THR A 366 1.84 11.22 0.00
N ILE A 367 1.47 11.70 -1.18
CA ILE A 367 0.30 11.22 -1.89
C ILE A 367 0.68 10.23 -2.99
N ASN A 368 1.68 10.58 -3.80
CA ASN A 368 2.08 9.76 -4.94
C ASN A 368 3.07 8.71 -4.47
N MET A 369 2.60 7.48 -4.32
CA MET A 369 3.44 6.33 -3.97
C MET A 369 3.11 5.22 -4.97
N ASP A 370 3.74 5.29 -6.15
CA ASP A 370 3.46 4.31 -7.19
C ASP A 370 4.21 3.00 -6.95
N GLY A 371 5.44 3.09 -6.43
CA GLY A 371 6.19 1.88 -6.15
C GLY A 371 5.53 1.04 -5.06
N THR A 372 5.07 1.68 -3.99
CA THR A 372 4.41 0.94 -2.93
C THR A 372 3.10 0.34 -3.39
N ALA A 373 2.32 1.10 -4.17
CA ALA A 373 1.01 0.62 -4.61
C ALA A 373 1.15 -0.62 -5.49
N LEU A 374 2.12 -0.61 -6.41
CA LEU A 374 2.33 -1.79 -7.26
C LEU A 374 2.82 -2.97 -6.44
N TYR A 375 3.64 -2.71 -5.42
CA TYR A 375 4.17 -3.79 -4.60
C TYR A 375 3.06 -4.46 -3.79
N GLU A 376 2.21 -3.65 -3.14
CA GLU A 376 1.16 -4.22 -2.31
C GLU A 376 0.17 -5.03 -3.14
N ALA A 377 -0.20 -4.54 -4.32
CA ALA A 377 -1.15 -5.26 -5.16
C ALA A 377 -0.61 -6.62 -5.55
N VAL A 378 0.68 -6.69 -5.91
CA VAL A 378 1.29 -7.97 -6.26
C VAL A 378 1.31 -8.89 -5.05
N ALA A 379 1.71 -8.36 -3.89
CA ALA A 379 1.84 -9.19 -2.69
C ALA A 379 0.50 -9.79 -2.30
N ALA A 380 -0.57 -8.99 -2.33
CA ALA A 380 -1.88 -9.48 -1.90
C ALA A 380 -2.34 -10.66 -2.74
N VAL A 381 -2.18 -10.57 -4.06
CA VAL A 381 -2.56 -11.69 -4.92
C VAL A 381 -1.61 -12.86 -4.74
N PHE A 382 -0.33 -12.58 -4.45
CA PHE A 382 0.62 -13.65 -4.19
C PHE A 382 0.20 -14.47 -2.99
N ILE A 383 -0.25 -13.81 -1.92
CA ILE A 383 -0.68 -14.53 -0.72
C ILE A 383 -1.89 -15.40 -1.03
N ALA A 384 -2.81 -14.89 -1.86
CA ALA A 384 -3.97 -15.68 -2.24
C ALA A 384 -3.56 -16.94 -3.00
N GLN A 385 -2.58 -16.81 -3.90
CA GLN A 385 -2.12 -17.98 -4.65
C GLN A 385 -1.35 -18.94 -3.76
N LEU A 386 -0.56 -18.42 -2.81
CA LEU A 386 0.13 -19.29 -1.86
C LEU A 386 -0.87 -20.20 -1.15
N ASN A 387 -2.03 -19.65 -0.80
CA ASN A 387 -3.08 -20.41 -0.13
C ASN A 387 -3.97 -21.18 -1.11
N ASP A 388 -3.73 -21.05 -2.41
CA ASP A 388 -4.54 -21.69 -3.44
C ASP A 388 -5.96 -21.15 -3.49
N LEU A 389 -6.20 -20.00 -2.87
CA LEU A 389 -7.52 -19.37 -2.89
C LEU A 389 -7.60 -18.50 -4.14
N ASP A 390 -8.19 -19.04 -5.19
CA ASP A 390 -8.33 -18.28 -6.43
C ASP A 390 -9.04 -16.97 -6.15
N LEU A 391 -8.44 -15.86 -6.58
CA LEU A 391 -8.96 -14.54 -6.29
C LEU A 391 -10.08 -14.23 -7.28
N GLY A 392 -11.31 -14.18 -6.78
CA GLY A 392 -12.41 -13.76 -7.62
C GLY A 392 -12.21 -12.33 -8.08
N ILE A 393 -12.73 -12.05 -9.28
CA ILE A 393 -12.45 -10.75 -9.88
C ILE A 393 -12.91 -9.63 -8.95
N GLY A 394 -14.07 -9.80 -8.32
CA GLY A 394 -14.53 -8.78 -7.38
C GLY A 394 -13.52 -8.52 -6.28
N GLN A 395 -12.89 -9.57 -5.78
CA GLN A 395 -11.79 -9.39 -4.82
C GLN A 395 -10.60 -8.70 -5.49
N ILE A 396 -10.35 -9.01 -6.76
CA ILE A 396 -9.21 -8.42 -7.46
C ILE A 396 -9.38 -6.90 -7.56
N ILE A 397 -10.60 -6.43 -7.83
CA ILE A 397 -10.85 -4.99 -7.79
C ILE A 397 -10.71 -4.46 -6.36
N THR A 398 -11.21 -5.22 -5.38
CA THR A 398 -11.17 -4.74 -3.99
C THR A 398 -9.75 -4.35 -3.59
N ILE A 399 -8.76 -5.10 -4.07
CA ILE A 399 -7.36 -4.77 -3.78
C ILE A 399 -6.95 -3.48 -4.47
N SER A 400 -7.62 -3.11 -5.55
CA SER A 400 -7.23 -1.93 -6.31
C SER A 400 -7.55 -0.64 -5.55
N ILE A 401 -8.77 -0.52 -5.03
CA ILE A 401 -9.15 0.69 -4.30
C ILE A 401 -8.42 0.76 -2.97
N THR A 402 -8.25 -0.38 -2.29
CA THR A 402 -7.51 -0.39 -1.05
C THR A 402 -6.08 0.11 -1.25
N ALA A 403 -5.41 -0.41 -2.27
CA ALA A 403 -4.03 -0.01 -2.53
C ALA A 403 -3.95 1.46 -2.92
N THR A 404 -4.87 1.92 -3.77
CA THR A 404 -4.86 3.33 -4.16
C THR A 404 -5.15 4.23 -2.97
N SER A 405 -6.18 3.90 -2.18
CA SER A 405 -6.52 4.71 -1.02
C SER A 405 -5.49 4.60 0.09
N ALA A 406 -4.61 3.60 0.03
CA ALA A 406 -3.57 3.46 1.04
C ALA A 406 -2.58 4.62 1.03
N SER A 407 -2.58 5.42 -0.05
CA SER A 407 -1.69 6.58 -0.09
C SER A 407 -1.97 7.54 1.06
N ILE A 408 -3.23 7.64 1.48
CA ILE A 408 -3.60 8.41 2.66
C ILE A 408 -4.40 7.54 3.60
N GLY A 409 -4.79 6.34 3.15
CA GLY A 409 -5.53 5.42 3.99
C GLY A 409 -4.73 4.88 5.15
N ALA A 410 -3.40 4.87 5.04
CA ALA A 410 -2.51 4.50 6.13
C ALA A 410 -1.58 5.66 6.50
N ALA A 411 -1.96 6.89 6.18
CA ALA A 411 -1.21 8.11 6.45
C ALA A 411 0.02 8.26 5.56
N GLY A 412 0.31 7.30 4.70
CA GLY A 412 1.48 7.42 3.85
C GLY A 412 2.77 7.59 4.62
N VAL A 413 2.96 6.79 5.65
CA VAL A 413 4.11 6.93 6.55
C VAL A 413 4.96 5.67 6.47
N PRO A 414 6.30 5.78 6.48
CA PRO A 414 7.11 4.56 6.40
C PRO A 414 6.81 3.54 7.50
N GLN A 415 6.48 4.01 8.71
CA GLN A 415 6.13 3.09 9.77
C GLN A 415 4.93 2.23 9.37
N ALA A 416 4.00 2.79 8.61
CA ALA A 416 2.78 2.10 8.21
C ALA A 416 2.97 1.30 6.92
N GLY A 417 4.22 1.00 6.53
CA GLY A 417 4.43 0.18 5.35
C GLY A 417 3.93 -1.24 5.53
N LEU A 418 4.21 -1.84 6.69
CA LEU A 418 3.73 -3.18 6.99
C LEU A 418 2.25 -3.18 7.33
N VAL A 419 1.75 -2.09 7.89
CA VAL A 419 0.34 -2.04 8.29
C VAL A 419 -0.56 -2.08 7.08
N THR A 420 -0.14 -1.45 5.98
CA THR A 420 -0.98 -1.42 4.78
C THR A 420 -1.24 -2.82 4.25
N MET A 421 -0.21 -3.67 4.22
CA MET A 421 -0.40 -5.03 3.73
C MET A 421 -1.42 -5.78 4.56
N VAL A 422 -1.43 -5.55 5.87
CA VAL A 422 -2.45 -6.15 6.73
C VAL A 422 -3.81 -5.60 6.39
N ILE A 423 -3.89 -4.30 6.04
CA ILE A 423 -5.15 -3.73 5.61
C ILE A 423 -5.59 -4.35 4.29
N VAL A 424 -4.67 -4.43 3.33
CA VAL A 424 -5.01 -5.00 2.02
C VAL A 424 -5.39 -6.47 2.18
N LEU A 425 -4.63 -7.21 2.98
CA LEU A 425 -4.96 -8.62 3.22
C LEU A 425 -6.29 -8.74 3.96
N SER A 426 -6.54 -7.86 4.92
CA SER A 426 -7.78 -7.92 5.68
C SER A 426 -8.99 -7.54 4.82
N ALA A 427 -8.79 -6.68 3.82
CA ALA A 427 -9.90 -6.28 2.97
C ALA A 427 -10.47 -7.48 2.21
N VAL A 428 -9.60 -8.37 1.73
CA VAL A 428 -10.02 -9.51 0.93
C VAL A 428 -10.09 -10.79 1.77
N GLY A 429 -9.97 -10.68 3.08
CA GLY A 429 -10.12 -11.84 3.93
C GLY A 429 -9.06 -12.91 3.72
N LEU A 430 -7.79 -12.50 3.57
CA LEU A 430 -6.69 -13.45 3.45
C LEU A 430 -5.94 -13.56 4.77
N PRO A 431 -5.33 -14.72 5.06
CA PRO A 431 -4.54 -14.84 6.29
C PRO A 431 -3.49 -13.75 6.41
N ALA A 432 -3.65 -12.87 7.41
CA ALA A 432 -2.67 -11.82 7.62
C ALA A 432 -1.32 -12.39 8.05
N GLU A 433 -1.31 -13.57 8.67
CA GLU A 433 -0.07 -14.17 9.11
C GLU A 433 0.88 -14.45 7.95
N ASP A 434 0.34 -14.53 6.72
CA ASP A 434 1.16 -14.84 5.56
C ASP A 434 2.02 -13.67 5.11
N VAL A 435 1.82 -12.48 5.69
CA VAL A 435 2.63 -11.32 5.34
C VAL A 435 4.08 -11.45 5.76
N THR A 436 4.43 -12.52 6.49
CA THR A 436 5.81 -12.70 6.92
C THR A 436 6.73 -12.93 5.72
N LEU A 437 6.31 -13.76 4.78
CA LEU A 437 7.10 -13.97 3.58
C LEU A 437 7.33 -12.67 2.83
N ILE A 438 6.32 -11.80 2.82
CA ILE A 438 6.48 -10.48 2.20
C ILE A 438 7.51 -9.66 2.97
N ILE A 439 7.44 -9.68 4.30
CA ILE A 439 8.38 -8.92 5.11
C ILE A 439 9.79 -9.47 5.01
N ALA A 440 9.94 -10.75 4.64
CA ALA A 440 11.27 -11.33 4.53
C ALA A 440 12.11 -10.60 3.49
N VAL A 441 11.51 -10.26 2.34
CA VAL A 441 12.21 -9.69 1.21
C VAL A 441 11.82 -8.25 0.97
N ASP A 442 11.00 -7.68 1.86
CA ASP A 442 10.56 -6.26 1.72
C ASP A 442 11.79 -5.36 1.67
N TRP A 443 12.74 -5.55 2.58
CA TRP A 443 13.90 -4.68 2.67
C TRP A 443 14.72 -4.69 1.37
N LEU A 444 14.69 -5.80 0.63
CA LEU A 444 15.31 -5.82 -0.69
C LEU A 444 14.60 -4.87 -1.64
N LEU A 445 13.27 -4.84 -1.58
CA LEU A 445 12.45 -4.01 -2.46
C LEU A 445 12.20 -2.62 -1.90
N ASP A 446 12.55 -2.37 -0.64
CA ASP A 446 12.23 -1.07 -0.03
C ASP A 446 12.94 0.06 -0.74
N ARG A 447 14.22 -0.13 -1.08
CA ARG A 447 14.98 0.93 -1.75
C ARG A 447 14.40 1.25 -3.11
N PHE A 448 13.98 0.23 -3.86
CA PHE A 448 13.52 0.46 -5.23
C PHE A 448 12.12 1.03 -5.27
N ARG A 449 11.25 0.67 -4.33
CA ARG A 449 9.91 1.24 -4.31
C ARG A 449 9.96 2.75 -4.18
N THR A 450 10.85 3.27 -3.33
CA THR A 450 11.05 4.71 -3.26
C THR A 450 11.54 5.26 -4.60
N MET A 451 12.31 4.48 -5.35
CA MET A 451 12.82 4.96 -6.63
C MET A 451 11.69 5.32 -7.57
N VAL A 452 10.68 4.46 -7.66
CA VAL A 452 9.53 4.76 -8.51
C VAL A 452 8.71 5.90 -7.92
N ASN A 453 8.59 5.94 -6.59
CA ASN A 453 7.77 6.97 -5.95
C ASN A 453 8.28 8.37 -6.27
N VAL A 454 9.59 8.59 -6.14
CA VAL A 454 10.16 9.87 -6.55
C VAL A 454 10.13 10.01 -8.06
N LEU A 455 10.27 8.90 -8.78
CA LEU A 455 10.20 8.96 -10.24
C LEU A 455 8.83 9.44 -10.69
N GLY A 456 7.76 8.95 -10.05
CA GLY A 456 6.43 9.45 -10.36
C GLY A 456 6.28 10.92 -10.04
N ASP A 457 6.83 11.35 -8.91
CA ASP A 457 6.84 12.79 -8.59
C ASP A 457 7.64 13.56 -9.61
N ALA A 458 8.51 12.88 -10.36
CA ALA A 458 9.31 13.54 -11.38
C ALA A 458 8.45 13.94 -12.57
N PHE A 459 7.77 12.96 -13.17
CA PHE A 459 7.03 13.21 -14.40
C PHE A 459 5.80 14.08 -14.13
N GLY A 460 5.34 14.13 -12.88
CA GLY A 460 4.24 15.01 -12.54
C GLY A 460 4.60 16.47 -12.67
N THR A 461 5.79 16.85 -12.20
CA THR A 461 6.19 18.25 -12.27
C THR A 461 6.15 18.75 -13.71
N GLY A 462 6.74 17.98 -14.64
CA GLY A 462 6.71 18.36 -16.03
C GLY A 462 5.31 18.33 -16.62
N ILE A 463 4.55 17.28 -16.31
CA ILE A 463 3.22 17.13 -16.91
C ILE A 463 2.29 18.24 -16.44
N VAL A 464 2.25 18.48 -15.12
CA VAL A 464 1.34 19.49 -14.60
C VAL A 464 1.71 20.87 -15.11
N GLU A 465 3.02 21.18 -15.17
CA GLU A 465 3.43 22.48 -15.68
C GLU A 465 3.00 22.67 -17.13
N LYS A 466 3.16 21.63 -17.95
CA LYS A 466 2.76 21.73 -19.35
C LYS A 466 1.26 22.00 -19.48
N LEU A 467 0.44 21.25 -18.74
CA LEU A 467 -1.00 21.42 -18.83
C LEU A 467 -1.43 22.78 -18.29
N SER A 468 -0.87 23.19 -17.16
CA SER A 468 -1.26 24.43 -16.48
C SER A 468 -0.31 25.56 -16.76
N LYS A 469 0.25 25.63 -17.98
CA LYS A 469 1.18 26.71 -18.30
C LYS A 469 0.50 28.07 -18.25
N LYS A 470 -0.77 28.14 -18.66
CA LYS A 470 -1.47 29.40 -18.68
C LYS A 470 -1.62 29.99 -17.28
N GLU A 471 -1.95 29.15 -16.29
CA GLU A 471 -2.16 29.63 -14.94
C GLU A 471 -0.88 30.23 -14.37
N LEU A 472 0.26 29.58 -14.61
CA LEU A 472 1.53 30.05 -14.08
C LEU A 472 1.84 31.45 -14.56
NA NA B . 6.23 9.92 -4.97
NA NA C . 0.69 7.14 -8.55
C01 9Z9 D . -11.37 -4.05 -13.34
C02 9Z9 D . -10.08 -3.31 -13.71
C03 9Z9 D . -9.98 -1.88 -13.09
C04 9Z9 D . -9.23 -2.10 -11.75
C05 9Z9 D . -8.90 -3.57 -11.63
C06 9Z9 D . -8.82 -3.96 -13.11
C07 9Z9 D . -8.64 -5.42 -13.48
C08 9Z9 D . -8.56 -5.52 -15.02
C09 9Z9 D . -9.73 -4.78 -15.69
C10 9Z9 D . -9.89 -3.33 -15.21
C11 9Z9 D . -8.45 -7.02 -15.44
C12 9Z9 D . -9.81 -7.72 -15.33
C13 9Z9 D . -7.50 -7.78 -14.57
C14 9Z9 D . -7.00 -7.28 -13.43
C15 9Z9 D . -7.33 -5.93 -12.91
C16 9Z9 D . -7.09 -9.14 -15.01
C17 9Z9 D . -6.59 -9.08 -16.46
C18 9Z9 D . -7.68 -8.50 -17.37
C19 9Z9 D . -7.97 -7.09 -16.90
O20 9Z9 D . -6.23 -10.40 -16.93
C21 9Z9 D . -7.26 -11.39 -16.97
C22 9Z9 D . -6.86 -12.58 -16.10
C23 9Z9 D . -8.06 -13.43 -15.58
C24 9Z9 D . -9.10 -13.78 -16.71
O25 9Z9 D . -10.35 -14.01 -16.10
C26 9Z9 D . -11.17 -14.86 -16.85
C48 9Z9 D . -8.77 -12.64 -14.45
O49 9Z9 D . -7.89 -12.64 -13.35
C50 9Z9 D . -8.13 -13.72 -12.49
O72 9Z9 D . -10.11 -1.69 -10.71
C73 9Z9 D . -10.90 -0.66 -11.23
C74 9Z9 D . -11.25 -1.11 -12.70
C75 9Z9 D . -11.57 0.03 -13.64
C76 9Z9 D . -12.14 -0.53 -10.36
C77 9Z9 D . -11.85 0.39 -9.20
C78 9Z9 D . -11.48 1.77 -9.72
C79 9Z9 D . -10.60 1.68 -10.96
O80 9Z9 D . -10.04 0.43 -11.20
C81 9Z9 D . -10.80 2.59 -8.63
C1 CLR E . -20.37 18.08 -2.43
C2 CLR E . -20.20 19.39 -1.70
C3 CLR E . -19.96 19.20 -0.22
C4 CLR E . -18.74 18.29 -0.03
C5 CLR E . -18.84 16.98 -0.77
C6 CLR E . -18.61 15.87 -0.10
C7 CLR E . -18.67 14.48 -0.72
C8 CLR E . -18.67 14.56 -2.26
C9 CLR E . -19.65 15.66 -2.73
C10 CLR E . -19.21 17.08 -2.26
C11 CLR E . -19.94 15.57 -4.23
C12 CLR E . -20.35 14.16 -4.70
C13 CLR E . -19.23 13.16 -4.34
C14 CLR E . -19.15 13.24 -2.77
C15 CLR E . -18.29 11.99 -2.39
C16 CLR E . -18.79 10.90 -3.40
C17 CLR E . -19.66 11.65 -4.49
C18 CLR E . -17.92 13.44 -5.01
C19 CLR E . -17.98 17.54 -3.05
C20 CLR E . -19.38 11.01 -5.85
C21 CLR E . -20.03 11.73 -7.04
C22 CLR E . -20.03 9.59 -5.76
C23 CLR E . -19.03 8.47 -6.09
C24 CLR E . -19.03 7.55 -4.83
C25 CLR E . -18.08 6.37 -5.10
C26 CLR E . -18.87 5.33 -5.91
C27 CLR E . -17.45 5.80 -3.82
O1 CLR E . -19.81 20.39 0.51
#